data_6FUF
#
_entry.id   6FUF
#
_cell.length_a   151.359
_cell.length_b   151.359
_cell.length_c   96.652
_cell.angle_alpha   90.000
_cell.angle_beta   90.000
_cell.angle_gamma   120.000
#
_symmetry.space_group_name_H-M   'P 61'
#
loop_
_entity.id
_entity.type
_entity.pdbx_description
1 polymer Rhodopsin
2 polymer 'Guanine nucleotide-binding protein G(o) subunit alpha'
3 non-polymer RETINAL
4 non-polymer 2-acetamido-2-deoxy-beta-D-glucopyranose
5 water water
#
loop_
_entity_poly.entity_id
_entity_poly.type
_entity_poly.pdbx_seq_one_letter_code
_entity_poly.pdbx_strand_id
1 'polypeptide(L)'
;CGTEGPNFYVPFSNKTGVVRSPFEAPQYYLAEPWQFSMLAAYMFLLIMLGFPINFLTLYVTVQHKKLRTPLNYILLNLAV
ADLFMVFGGFTTTLYTSLHGYFVFGPTGCNLEGFFATLGGEIALWSLVVLAIERYVVVCKPMSNFRFGENHAIMGVAFTW
VMALACAAPPLVGWSRYIPEGMQCSCGIDYYTPHEETNNESFVIYMFVVHFIIPLIVIFFCYGQLVFTVKEAAAQQQESA
TTQKAEKEVTRMVIIYVIAFLICWLPYAGVAFYIFTHQGSCFGPIFMTIPAFFAKTSAVYNPVIYIMMNKQFRNCM
;
A
2 'polypeptide(L)'
;GIEKNLKEDGISAAKDVKLLLLGADNSGKSTIVKQMKIIHEDGFSGRTRVKTTGIVETHFTFKNLHFRLFDVGGQRSERK
KWIHCFEDVTAIIFCVDLSDYNRMHESLMDFDSICNNKFFIDTSIILFLNKKDLFGEKIKKSPLTICFPEYTGPNTYEDA
AAYIQAQFESKNRSPNKEIYCHMTCATDTNNAQVIFDAVTDIIIANNLRGCGLY
;
B
#
# COMPACT_ATOMS: atom_id res chain seq x y z
N CYS A 1 -36.30 -29.30 5.65
CA CYS A 1 -35.21 -28.34 5.53
C CYS A 1 -35.05 -27.82 4.11
N GLY A 2 -34.85 -28.74 3.16
CA GLY A 2 -34.59 -28.30 1.79
C GLY A 2 -34.85 -29.37 0.77
N THR A 3 -34.89 -28.93 -0.48
CA THR A 3 -35.12 -29.80 -1.64
C THR A 3 -33.79 -30.11 -2.29
N GLU A 4 -33.29 -31.33 -2.10
CA GLU A 4 -32.01 -31.72 -2.68
C GLU A 4 -32.16 -31.94 -4.17
N GLY A 5 -31.26 -31.35 -4.95
CA GLY A 5 -31.20 -31.62 -6.36
C GLY A 5 -29.81 -32.01 -6.78
N PRO A 6 -29.69 -32.51 -8.02
CA PRO A 6 -28.35 -32.80 -8.56
C PRO A 6 -27.55 -31.55 -8.88
N ASN A 7 -28.14 -30.62 -9.62
CA ASN A 7 -27.46 -29.39 -10.02
C ASN A 7 -27.82 -28.21 -9.13
N PHE A 8 -28.32 -28.45 -7.93
CA PHE A 8 -29.00 -27.34 -7.27
C PHE A 8 -29.38 -27.75 -5.85
N TYR A 9 -29.66 -26.76 -4.99
CA TYR A 9 -30.34 -27.05 -3.73
C TYR A 9 -31.14 -25.85 -3.26
N VAL A 10 -32.45 -26.05 -3.23
CA VAL A 10 -33.42 -25.02 -2.86
C VAL A 10 -33.75 -25.20 -1.38
N PRO A 11 -33.46 -24.22 -0.54
CA PRO A 11 -33.73 -24.36 0.88
C PRO A 11 -35.21 -24.26 1.22
N PHE A 12 -35.99 -25.26 0.82
CA PHE A 12 -37.43 -25.19 1.05
C PHE A 12 -38.03 -26.59 0.87
N SER A 13 -38.79 -27.00 1.89
CA SER A 13 -39.33 -28.35 1.98
C SER A 13 -40.34 -28.63 0.87
N ASN A 14 -40.23 -29.81 0.27
CA ASN A 14 -41.18 -30.20 -0.76
C ASN A 14 -42.35 -31.00 -0.22
N LYS A 15 -42.38 -31.30 1.09
CA LYS A 15 -43.50 -32.04 1.66
C LYS A 15 -44.84 -31.43 1.27
N THR A 16 -44.86 -30.14 0.93
CA THR A 16 -46.06 -29.46 0.46
C THR A 16 -46.27 -29.59 -1.04
N GLY A 17 -45.22 -29.93 -1.80
CA GLY A 17 -45.33 -29.98 -3.24
C GLY A 17 -45.13 -28.65 -3.93
N VAL A 18 -44.79 -27.60 -3.19
CA VAL A 18 -44.72 -26.26 -3.77
C VAL A 18 -43.40 -26.02 -4.48
N VAL A 19 -42.31 -26.59 -3.98
CA VAL A 19 -40.98 -26.22 -4.49
C VAL A 19 -40.84 -26.63 -5.95
N ARG A 20 -40.01 -25.89 -6.68
CA ARG A 20 -39.70 -26.16 -8.07
C ARG A 20 -38.19 -26.03 -8.27
N SER A 21 -37.75 -26.25 -9.50
CA SER A 21 -36.34 -26.14 -9.79
C SER A 21 -35.93 -24.66 -9.82
N PRO A 22 -34.73 -24.34 -9.32
CA PRO A 22 -34.21 -22.98 -9.49
C PRO A 22 -33.86 -22.66 -10.92
N PHE A 23 -33.73 -23.65 -11.80
CA PHE A 23 -33.60 -23.36 -13.22
C PHE A 23 -34.97 -23.21 -13.89
N GLU A 24 -36.05 -23.38 -13.14
CA GLU A 24 -37.41 -23.48 -13.67
C GLU A 24 -38.32 -22.33 -13.28
N ALA A 25 -38.83 -22.37 -12.05
CA ALA A 25 -39.88 -21.45 -11.62
C ALA A 25 -39.29 -20.24 -10.92
N PRO A 26 -39.87 -19.07 -11.18
CA PRO A 26 -39.58 -17.90 -10.34
C PRO A 26 -39.78 -18.24 -8.87
N GLN A 27 -38.72 -18.07 -8.09
CA GLN A 27 -38.65 -18.60 -6.72
C GLN A 27 -39.35 -17.67 -5.72
N TYR A 28 -40.63 -17.41 -5.99
CA TYR A 28 -41.42 -16.45 -5.21
C TYR A 28 -42.02 -17.05 -3.96
N TYR A 29 -41.65 -18.29 -3.69
CA TYR A 29 -42.02 -19.04 -2.51
C TYR A 29 -40.82 -19.20 -1.59
N LEU A 30 -39.63 -18.80 -2.07
CA LEU A 30 -38.48 -18.49 -1.23
C LEU A 30 -38.59 -17.07 -0.67
N ALA A 31 -39.02 -16.13 -1.51
CA ALA A 31 -39.27 -14.76 -1.10
C ALA A 31 -40.17 -14.10 -2.13
N GLU A 32 -41.04 -13.21 -1.65
CA GLU A 32 -41.99 -12.48 -2.49
C GLU A 32 -41.27 -11.77 -3.64
N PRO A 33 -41.92 -11.62 -4.79
CA PRO A 33 -41.20 -11.12 -5.98
C PRO A 33 -40.62 -9.74 -5.82
N TRP A 34 -41.06 -8.95 -4.83
CA TRP A 34 -40.43 -7.67 -4.59
C TRP A 34 -38.96 -7.83 -4.26
N GLN A 35 -38.61 -8.91 -3.54
CA GLN A 35 -37.22 -9.12 -3.18
C GLN A 35 -36.34 -9.38 -4.39
N PHE A 36 -36.84 -10.13 -5.38
CA PHE A 36 -36.01 -10.35 -6.56
C PHE A 36 -35.97 -9.13 -7.46
N SER A 37 -37.02 -8.30 -7.43
CA SER A 37 -36.95 -7.01 -8.11
C SER A 37 -35.78 -6.19 -7.60
N MET A 38 -35.71 -6.02 -6.28
CA MET A 38 -34.58 -5.32 -5.67
C MET A 38 -33.26 -6.00 -6.01
N LEU A 39 -33.26 -7.33 -6.02
CA LEU A 39 -32.04 -8.09 -6.31
C LEU A 39 -31.43 -7.69 -7.65
N ALA A 40 -32.24 -7.77 -8.72
CA ALA A 40 -31.74 -7.41 -10.04
C ALA A 40 -31.27 -5.97 -10.10
N ALA A 41 -32.05 -5.06 -9.51
CA ALA A 41 -31.67 -3.65 -9.52
C ALA A 41 -30.35 -3.43 -8.80
N TYR A 42 -30.10 -4.17 -7.72
CA TYR A 42 -28.88 -4.00 -6.96
C TYR A 42 -27.66 -4.43 -7.77
N MET A 43 -27.81 -5.48 -8.57
CA MET A 43 -26.71 -5.90 -9.44
C MET A 43 -26.40 -4.82 -10.48
N PHE A 44 -27.42 -4.14 -10.99
CA PHE A 44 -27.15 -3.06 -11.93
C PHE A 44 -26.45 -1.90 -11.24
N LEU A 45 -26.84 -1.59 -10.00
CA LEU A 45 -26.14 -0.57 -9.23
C LEU A 45 -24.65 -0.86 -9.16
N LEU A 46 -24.29 -2.08 -8.76
CA LEU A 46 -22.87 -2.40 -8.57
C LEU A 46 -22.14 -2.49 -9.90
N ILE A 47 -22.84 -2.84 -11.00
CA ILE A 47 -22.24 -2.69 -12.32
C ILE A 47 -21.86 -1.24 -12.57
N MET A 48 -22.79 -0.33 -12.30
CA MET A 48 -22.60 1.09 -12.58
C MET A 48 -21.75 1.79 -11.53
N LEU A 49 -21.23 1.08 -10.54
CA LEU A 49 -20.17 1.57 -9.67
C LEU A 49 -18.87 0.84 -9.89
N GLY A 50 -18.93 -0.49 -10.01
CA GLY A 50 -17.73 -1.28 -10.12
C GLY A 50 -16.98 -1.06 -11.43
N PHE A 51 -17.68 -1.15 -12.56
CA PHE A 51 -16.97 -1.00 -13.84
C PHE A 51 -16.45 0.43 -13.99
N PRO A 52 -17.18 1.51 -13.58
CA PRO A 52 -16.53 2.83 -13.58
C PRO A 52 -15.17 2.84 -12.89
N ILE A 53 -15.11 2.51 -11.59
CA ILE A 53 -13.85 2.58 -10.85
C ILE A 53 -12.81 1.65 -11.46
N ASN A 54 -13.19 0.39 -11.68
CA ASN A 54 -12.20 -0.63 -12.03
C ASN A 54 -11.66 -0.45 -13.44
N PHE A 55 -12.52 -0.08 -14.40
CA PHE A 55 -11.99 0.22 -15.73
C PHE A 55 -11.16 1.49 -15.73
N LEU A 56 -11.62 2.52 -15.01
CA LEU A 56 -10.90 3.79 -15.03
C LEU A 56 -9.47 3.63 -14.51
N THR A 57 -9.27 2.75 -13.52
CA THR A 57 -7.92 2.46 -13.05
C THR A 57 -7.02 2.01 -14.20
N LEU A 58 -7.49 1.03 -14.98
CA LEU A 58 -6.75 0.56 -16.14
C LEU A 58 -6.52 1.70 -17.13
N TYR A 59 -7.59 2.44 -17.45
CA TYR A 59 -7.50 3.56 -18.37
C TYR A 59 -6.46 4.58 -17.92
N VAL A 60 -6.46 4.92 -16.63
CA VAL A 60 -5.57 5.95 -16.13
C VAL A 60 -4.12 5.52 -16.27
N THR A 61 -3.83 4.26 -15.96
CA THR A 61 -2.48 3.79 -16.14
C THR A 61 -2.04 3.95 -17.57
N VAL A 62 -2.96 3.73 -18.50
CA VAL A 62 -2.59 3.96 -19.87
C VAL A 62 -2.32 5.42 -20.09
N GLN A 63 -3.19 6.28 -19.60
CA GLN A 63 -3.08 7.71 -19.87
C GLN A 63 -1.83 8.30 -19.25
N HIS A 64 -1.58 7.97 -18.00
CA HIS A 64 -0.43 8.50 -17.30
C HIS A 64 0.59 7.40 -17.20
N LYS A 65 1.69 7.55 -17.89
CA LYS A 65 2.66 6.47 -17.86
C LYS A 65 3.59 6.58 -16.65
N LYS A 66 3.39 7.57 -15.78
CA LYS A 66 4.13 7.65 -14.54
C LYS A 66 3.75 6.52 -13.59
N LEU A 67 2.50 6.06 -13.66
CA LEU A 67 2.03 5.02 -12.76
C LEU A 67 2.49 3.62 -13.13
N ARG A 68 3.09 3.41 -14.30
CA ARG A 68 3.47 2.05 -14.68
C ARG A 68 4.76 1.65 -13.96
N THR A 69 4.60 1.24 -12.72
CA THR A 69 5.69 0.77 -11.88
C THR A 69 5.36 -0.61 -11.37
N PRO A 70 6.36 -1.38 -10.97
CA PRO A 70 6.08 -2.75 -10.51
C PRO A 70 5.12 -2.82 -9.34
N LEU A 71 5.17 -1.87 -8.41
CA LEU A 71 4.38 -2.01 -7.19
C LEU A 71 2.89 -1.93 -7.46
N ASN A 72 2.47 -1.26 -8.52
CA ASN A 72 1.05 -1.06 -8.79
C ASN A 72 0.42 -2.19 -9.58
N TYR A 73 1.20 -3.15 -10.07
CA TYR A 73 0.63 -4.22 -10.89
C TYR A 73 -0.47 -4.96 -10.16
N ILE A 74 -0.25 -5.28 -8.88
CA ILE A 74 -1.23 -6.07 -8.14
C ILE A 74 -2.52 -5.28 -7.88
N LEU A 75 -2.47 -3.95 -7.93
CA LEU A 75 -3.71 -3.18 -7.86
C LEU A 75 -4.44 -3.19 -9.19
N LEU A 76 -3.70 -3.10 -10.30
CA LEU A 76 -4.28 -3.34 -11.61
C LEU A 76 -4.95 -4.71 -11.63
N ASN A 77 -4.25 -5.73 -11.13
CA ASN A 77 -4.83 -7.06 -10.98
C ASN A 77 -6.15 -6.99 -10.22
N LEU A 78 -6.14 -6.28 -9.09
CA LEU A 78 -7.35 -6.12 -8.29
C LEU A 78 -8.49 -5.54 -9.12
N ALA A 79 -8.21 -4.48 -9.87
CA ALA A 79 -9.21 -3.92 -10.77
C ALA A 79 -9.75 -4.98 -11.72
N VAL A 80 -8.85 -5.71 -12.39
CA VAL A 80 -9.25 -6.79 -13.29
C VAL A 80 -10.16 -7.77 -12.57
N ALA A 81 -9.74 -8.23 -11.39
CA ALA A 81 -10.51 -9.21 -10.62
C ALA A 81 -11.97 -8.78 -10.48
N ASP A 82 -12.19 -7.54 -10.06
CA ASP A 82 -13.53 -7.08 -9.78
C ASP A 82 -14.36 -6.92 -11.05
N LEU A 83 -13.72 -6.78 -12.21
CA LEU A 83 -14.48 -6.73 -13.45
C LEU A 83 -15.06 -8.10 -13.83
N PHE A 84 -14.39 -9.20 -13.46
CA PHE A 84 -15.07 -10.49 -13.60
C PHE A 84 -16.36 -10.48 -12.79
N MET A 85 -16.28 -9.97 -11.56
CA MET A 85 -17.46 -9.91 -10.70
C MET A 85 -18.53 -9.02 -11.31
N VAL A 86 -18.15 -8.02 -12.10
CA VAL A 86 -19.14 -7.19 -12.77
C VAL A 86 -19.84 -7.96 -13.88
N PHE A 87 -19.08 -8.64 -14.73
CA PHE A 87 -19.66 -9.26 -15.92
C PHE A 87 -20.02 -10.73 -15.70
N GLY A 88 -19.04 -11.54 -15.30
CA GLY A 88 -19.36 -12.93 -14.97
C GLY A 88 -20.39 -13.02 -13.87
N GLY A 89 -20.31 -12.14 -12.88
CA GLY A 89 -21.25 -12.14 -11.78
C GLY A 89 -22.47 -11.28 -12.01
N PHE A 90 -22.30 -9.96 -12.03
CA PHE A 90 -23.43 -9.05 -11.90
C PHE A 90 -24.29 -9.02 -13.16
N THR A 91 -23.66 -9.01 -14.33
CA THR A 91 -24.40 -8.89 -15.58
C THR A 91 -25.25 -10.14 -15.85
N THR A 92 -24.64 -11.32 -15.77
CA THR A 92 -25.40 -12.54 -15.99
C THR A 92 -26.37 -12.80 -14.85
N THR A 93 -26.07 -12.32 -13.64
CA THR A 93 -27.06 -12.37 -12.56
C THR A 93 -28.24 -11.45 -12.88
N LEU A 94 -27.96 -10.29 -13.46
CA LEU A 94 -29.01 -9.36 -13.87
C LEU A 94 -30.05 -10.08 -14.73
N TYR A 95 -29.60 -10.81 -15.75
CA TYR A 95 -30.53 -11.46 -16.67
C TYR A 95 -31.27 -12.65 -16.04
N THR A 96 -30.94 -13.04 -14.82
CA THR A 96 -31.65 -14.13 -14.14
C THR A 96 -32.54 -13.62 -13.02
N SER A 97 -32.00 -12.73 -12.18
CA SER A 97 -32.78 -12.18 -11.07
C SER A 97 -33.97 -11.35 -11.57
N LEU A 98 -33.89 -10.81 -12.79
CA LEU A 98 -35.03 -10.13 -13.39
C LEU A 98 -36.23 -11.06 -13.54
N HIS A 99 -35.98 -12.36 -13.61
CA HIS A 99 -37.00 -13.38 -13.82
C HIS A 99 -37.42 -14.05 -12.53
N GLY A 100 -36.48 -14.36 -11.65
CA GLY A 100 -36.73 -15.02 -10.38
C GLY A 100 -36.14 -16.41 -10.22
N TYR A 101 -35.17 -16.77 -11.05
CA TYR A 101 -34.84 -18.17 -11.30
C TYR A 101 -33.78 -18.09 -12.40
N PHE A 102 -32.90 -19.08 -12.53
CA PHE A 102 -31.68 -18.87 -13.28
C PHE A 102 -31.86 -19.37 -14.72
N VAL A 103 -31.66 -18.45 -15.66
CA VAL A 103 -32.12 -18.52 -17.04
C VAL A 103 -31.14 -19.28 -17.94
N PHE A 104 -29.83 -19.09 -17.74
CA PHE A 104 -28.89 -19.55 -18.74
C PHE A 104 -28.53 -21.03 -18.60
N GLY A 105 -29.28 -21.80 -17.81
CA GLY A 105 -29.05 -23.22 -17.70
C GLY A 105 -27.89 -23.56 -16.79
N PRO A 106 -27.76 -24.85 -16.45
CA PRO A 106 -26.64 -25.26 -15.58
C PRO A 106 -25.27 -25.03 -16.19
N THR A 107 -25.14 -25.00 -17.51
CA THR A 107 -23.84 -24.65 -18.09
C THR A 107 -23.56 -23.17 -17.90
N GLY A 108 -24.58 -22.31 -18.04
CA GLY A 108 -24.43 -20.93 -17.64
C GLY A 108 -24.21 -20.78 -16.15
N CYS A 109 -24.71 -21.75 -15.36
CA CYS A 109 -24.44 -21.76 -13.93
C CYS A 109 -22.97 -21.97 -13.64
N ASN A 110 -22.36 -22.93 -14.33
CA ASN A 110 -20.93 -23.13 -14.15
C ASN A 110 -20.14 -21.91 -14.62
N LEU A 111 -20.52 -21.34 -15.77
CA LEU A 111 -19.83 -20.16 -16.26
C LEU A 111 -19.92 -19.01 -15.27
N GLU A 112 -21.12 -18.78 -14.72
CA GLU A 112 -21.28 -17.69 -13.76
C GLU A 112 -20.49 -17.95 -12.49
N GLY A 113 -20.75 -19.09 -11.85
CA GLY A 113 -20.01 -19.44 -10.64
C GLY A 113 -18.51 -19.38 -10.82
N PHE A 114 -18.02 -19.90 -11.95
CA PHE A 114 -16.58 -19.91 -12.18
C PHE A 114 -16.01 -18.50 -12.27
N PHE A 115 -16.52 -17.71 -13.21
CA PHE A 115 -15.89 -16.41 -13.48
C PHE A 115 -16.08 -15.46 -12.31
N ALA A 116 -17.25 -15.49 -11.67
CA ALA A 116 -17.43 -14.72 -10.45
C ALA A 116 -16.40 -15.14 -9.41
N THR A 117 -16.36 -16.44 -9.07
CA THR A 117 -15.42 -16.93 -8.06
C THR A 117 -13.98 -16.66 -8.45
N LEU A 118 -13.65 -16.79 -9.74
CA LEU A 118 -12.30 -16.50 -10.19
C LEU A 118 -11.92 -15.06 -9.87
N GLY A 119 -12.82 -14.11 -10.16
CA GLY A 119 -12.55 -12.72 -9.85
C GLY A 119 -12.41 -12.48 -8.35
N GLY A 120 -13.33 -13.05 -7.56
CA GLY A 120 -13.24 -12.87 -6.12
C GLY A 120 -11.94 -13.40 -5.54
N GLU A 121 -11.47 -14.54 -6.04
CA GLU A 121 -10.23 -15.13 -5.53
C GLU A 121 -9.01 -14.32 -5.98
N ILE A 122 -9.02 -13.82 -7.22
CA ILE A 122 -7.93 -12.97 -7.68
C ILE A 122 -7.81 -11.73 -6.78
N ALA A 123 -8.95 -11.14 -6.41
CA ALA A 123 -8.94 -9.99 -5.52
C ALA A 123 -8.39 -10.36 -4.15
N LEU A 124 -8.90 -11.45 -3.58
CA LEU A 124 -8.41 -11.95 -2.29
C LEU A 124 -6.89 -12.06 -2.28
N TRP A 125 -6.34 -12.85 -3.20
CA TRP A 125 -4.90 -13.08 -3.20
C TRP A 125 -4.12 -11.87 -3.70
N SER A 126 -4.75 -10.97 -4.46
CA SER A 126 -4.09 -9.70 -4.76
C SER A 126 -3.82 -8.92 -3.48
N LEU A 127 -4.76 -8.96 -2.54
CA LEU A 127 -4.57 -8.24 -1.28
C LEU A 127 -3.52 -8.92 -0.41
N VAL A 128 -3.50 -10.25 -0.40
CA VAL A 128 -2.44 -10.98 0.28
C VAL A 128 -1.09 -10.60 -0.31
N VAL A 129 -0.98 -10.63 -1.64
CA VAL A 129 0.27 -10.31 -2.31
C VAL A 129 0.66 -8.87 -2.04
N LEU A 130 -0.31 -7.95 -2.06
CA LEU A 130 -0.02 -6.54 -1.79
C LEU A 130 0.61 -6.37 -0.41
N ALA A 131 0.05 -7.04 0.60
CA ALA A 131 0.62 -6.96 1.94
C ALA A 131 2.03 -7.55 1.97
N ILE A 132 2.25 -8.66 1.27
CA ILE A 132 3.57 -9.28 1.21
C ILE A 132 4.57 -8.33 0.56
N GLU A 133 4.17 -7.71 -0.56
CA GLU A 133 5.05 -6.79 -1.26
C GLU A 133 5.46 -5.63 -0.36
N ARG A 134 4.49 -5.00 0.31
CA ARG A 134 4.78 -3.87 1.17
C ARG A 134 5.64 -4.28 2.36
N TYR A 135 5.41 -5.48 2.89
CA TYR A 135 6.26 -6.01 3.95
C TYR A 135 7.71 -6.10 3.50
N VAL A 136 7.96 -6.76 2.36
CA VAL A 136 9.34 -6.92 1.88
C VAL A 136 9.97 -5.57 1.58
N VAL A 137 9.21 -4.67 0.96
CA VAL A 137 9.78 -3.39 0.51
C VAL A 137 10.17 -2.53 1.70
N VAL A 138 9.25 -2.35 2.66
CA VAL A 138 9.46 -1.38 3.72
C VAL A 138 10.29 -1.97 4.85
N CYS A 139 9.91 -3.16 5.32
CA CYS A 139 10.59 -3.75 6.48
C CYS A 139 11.98 -4.24 6.13
N LYS A 140 12.21 -4.53 4.85
CA LYS A 140 13.49 -4.99 4.33
C LYS A 140 13.96 -6.24 5.04
N PRO A 141 13.11 -7.26 5.12
CA PRO A 141 13.48 -8.48 5.85
C PRO A 141 14.63 -9.25 5.22
N MET A 142 14.60 -9.41 3.91
CA MET A 142 15.66 -10.18 3.25
C MET A 142 16.96 -9.40 3.22
N SER A 143 16.86 -8.09 2.99
CA SER A 143 17.92 -7.08 3.02
C SER A 143 19.01 -7.30 1.97
N ASN A 144 18.72 -8.08 0.97
CA ASN A 144 19.57 -8.27 -0.18
C ASN A 144 18.54 -8.41 -1.28
N PHE A 145 17.82 -7.32 -1.51
CA PHE A 145 16.76 -7.36 -2.48
C PHE A 145 16.71 -6.05 -3.23
N ARG A 146 16.07 -6.13 -4.37
CA ARG A 146 15.77 -5.02 -5.25
C ARG A 146 14.29 -4.90 -5.65
N PHE A 147 13.58 -6.01 -5.90
CA PHE A 147 12.17 -5.98 -6.32
C PHE A 147 11.99 -5.35 -7.63
N GLY A 148 12.00 -6.18 -8.68
CA GLY A 148 11.81 -5.70 -10.02
C GLY A 148 10.51 -6.18 -10.61
N GLU A 149 10.39 -5.96 -11.92
CA GLU A 149 9.19 -6.34 -12.63
C GLU A 149 8.98 -7.85 -12.59
N ASN A 150 10.06 -8.63 -12.55
CA ASN A 150 9.93 -10.08 -12.44
C ASN A 150 9.16 -10.47 -11.18
N HIS A 151 9.46 -9.82 -10.06
CA HIS A 151 8.79 -10.17 -8.81
C HIS A 151 7.33 -9.74 -8.83
N ALA A 152 7.03 -8.59 -9.43
CA ALA A 152 5.64 -8.16 -9.57
C ALA A 152 4.85 -9.14 -10.42
N ILE A 153 5.48 -9.68 -11.47
CA ILE A 153 4.79 -10.65 -12.33
C ILE A 153 4.51 -11.93 -11.56
N MET A 154 5.49 -12.44 -10.81
CA MET A 154 5.26 -13.61 -9.98
C MET A 154 4.12 -13.37 -8.98
N GLY A 155 4.06 -12.16 -8.42
CA GLY A 155 2.99 -11.85 -7.49
C GLY A 155 1.62 -11.91 -8.13
N VAL A 156 1.48 -11.30 -9.30
CA VAL A 156 0.21 -11.35 -10.03
C VAL A 156 -0.12 -12.78 -10.42
N ALA A 157 0.84 -13.47 -11.05
CA ALA A 157 0.62 -14.84 -11.49
C ALA A 157 0.14 -15.73 -10.35
N PHE A 158 0.75 -15.57 -9.17
CA PHE A 158 0.38 -16.37 -8.01
C PHE A 158 -1.09 -16.21 -7.64
N THR A 159 -1.66 -15.01 -7.84
CA THR A 159 -3.07 -14.82 -7.55
C THR A 159 -3.95 -15.60 -8.52
N TRP A 160 -3.54 -15.67 -9.78
CA TRP A 160 -4.26 -16.50 -10.75
C TRP A 160 -4.09 -17.98 -10.45
N VAL A 161 -2.89 -18.37 -10.03
CA VAL A 161 -2.64 -19.76 -9.63
C VAL A 161 -3.60 -20.16 -8.52
N MET A 162 -3.65 -19.36 -7.44
CA MET A 162 -4.50 -19.69 -6.31
C MET A 162 -5.99 -19.58 -6.66
N ALA A 163 -6.34 -18.56 -7.45
CA ALA A 163 -7.73 -18.41 -7.86
C ALA A 163 -8.23 -19.63 -8.61
N LEU A 164 -7.42 -20.13 -9.54
CA LEU A 164 -7.79 -21.35 -10.26
C LEU A 164 -7.83 -22.55 -9.33
N ALA A 165 -6.91 -22.60 -8.35
CA ALA A 165 -6.93 -23.68 -7.36
C ALA A 165 -8.21 -23.71 -6.55
N CYS A 166 -9.05 -22.68 -6.66
CA CYS A 166 -10.36 -22.62 -6.03
C CYS A 166 -11.51 -22.68 -7.02
N ALA A 167 -11.40 -21.97 -8.14
CA ALA A 167 -12.56 -21.79 -9.03
C ALA A 167 -12.76 -22.95 -9.98
N ALA A 168 -11.68 -23.63 -10.39
CA ALA A 168 -11.73 -24.71 -11.36
C ALA A 168 -12.12 -26.08 -10.80
N PRO A 169 -11.79 -26.43 -9.55
CA PRO A 169 -12.15 -27.76 -9.04
C PRO A 169 -13.64 -28.06 -9.10
N PRO A 170 -14.53 -27.11 -8.83
CA PRO A 170 -15.96 -27.40 -9.01
C PRO A 170 -16.36 -27.70 -10.45
N LEU A 171 -15.46 -27.48 -11.41
CA LEU A 171 -15.71 -27.83 -12.80
C LEU A 171 -15.30 -29.25 -13.15
N VAL A 172 -14.55 -29.92 -12.28
CA VAL A 172 -14.08 -31.27 -12.55
C VAL A 172 -14.60 -32.30 -11.56
N GLY A 173 -15.09 -31.90 -10.39
CA GLY A 173 -15.70 -32.85 -9.48
C GLY A 173 -15.30 -32.70 -8.03
N TRP A 174 -14.79 -31.54 -7.64
CA TRP A 174 -14.48 -31.27 -6.24
C TRP A 174 -15.34 -30.08 -5.83
N SER A 175 -16.46 -30.39 -5.16
CA SER A 175 -17.61 -29.51 -4.96
C SER A 175 -18.29 -29.22 -6.29
N ARG A 176 -19.30 -28.37 -6.28
CA ARG A 176 -20.14 -28.13 -7.44
C ARG A 176 -20.61 -26.69 -7.43
N TYR A 177 -20.82 -26.12 -8.61
CA TYR A 177 -21.46 -24.82 -8.73
C TYR A 177 -22.97 -25.00 -8.81
N ILE A 178 -23.69 -24.43 -7.86
CA ILE A 178 -25.14 -24.50 -7.83
C ILE A 178 -25.70 -23.14 -7.45
N PRO A 179 -26.95 -22.87 -7.83
CA PRO A 179 -27.62 -21.66 -7.36
C PRO A 179 -27.71 -21.66 -5.84
N GLU A 180 -27.16 -20.61 -5.23
CA GLU A 180 -27.21 -20.46 -3.78
C GLU A 180 -28.11 -19.28 -3.39
N GLY A 181 -28.56 -19.32 -2.14
CA GLY A 181 -29.42 -18.29 -1.61
C GLY A 181 -30.78 -18.27 -2.29
N MET A 182 -31.09 -17.18 -2.96
CA MET A 182 -32.35 -17.03 -3.69
C MET A 182 -32.32 -17.73 -5.05
N GLN A 183 -31.23 -18.42 -5.37
CA GLN A 183 -31.14 -19.35 -6.48
C GLN A 183 -31.06 -18.67 -7.84
N CYS A 184 -30.90 -17.34 -7.88
CA CYS A 184 -30.63 -16.63 -9.11
C CYS A 184 -29.14 -16.47 -9.39
N SER A 185 -28.29 -16.75 -8.40
CA SER A 185 -26.85 -16.60 -8.50
C SER A 185 -26.18 -17.91 -8.13
N CYS A 186 -25.25 -18.36 -8.97
CA CYS A 186 -24.55 -19.63 -8.76
C CYS A 186 -23.19 -19.40 -8.12
N GLY A 187 -22.84 -20.29 -7.19
CA GLY A 187 -21.56 -20.24 -6.53
C GLY A 187 -21.18 -21.59 -5.97
N ILE A 188 -20.09 -21.59 -5.20
CA ILE A 188 -19.57 -22.83 -4.62
C ILE A 188 -20.58 -23.43 -3.67
N ASP A 189 -20.69 -24.76 -3.70
CA ASP A 189 -21.52 -25.50 -2.76
C ASP A 189 -20.69 -25.77 -1.50
N TYR A 190 -20.70 -24.80 -0.59
CA TYR A 190 -20.09 -24.93 0.72
C TYR A 190 -21.09 -25.32 1.80
N TYR A 191 -22.38 -25.40 1.45
CA TYR A 191 -23.44 -25.47 2.43
C TYR A 191 -24.25 -26.76 2.40
N THR A 192 -24.01 -27.66 1.43
CA THR A 192 -24.68 -28.95 1.43
C THR A 192 -23.65 -30.08 1.42
N PRO A 193 -24.06 -31.31 1.71
CA PRO A 193 -23.17 -32.46 1.49
C PRO A 193 -23.38 -33.11 0.14
N HIS A 194 -22.30 -33.68 -0.39
CA HIS A 194 -22.33 -34.36 -1.68
C HIS A 194 -21.07 -35.21 -1.85
N GLU A 195 -21.20 -36.51 -1.57
CA GLU A 195 -20.05 -37.41 -1.56
C GLU A 195 -19.46 -37.60 -2.96
N GLU A 196 -20.27 -37.45 -4.00
CA GLU A 196 -19.74 -37.56 -5.36
C GLU A 196 -18.71 -36.47 -5.65
N THR A 197 -18.88 -35.29 -5.04
CA THR A 197 -17.97 -34.17 -5.26
C THR A 197 -17.17 -33.82 -4.02
N ASN A 198 -17.34 -34.54 -2.91
CA ASN A 198 -16.46 -34.44 -1.75
C ASN A 198 -16.51 -33.04 -1.13
N ASN A 199 -17.72 -32.55 -0.86
CA ASN A 199 -17.88 -31.17 -0.43
C ASN A 199 -17.11 -30.89 0.86
N GLU A 200 -17.09 -31.85 1.79
CA GLU A 200 -16.46 -31.61 3.08
C GLU A 200 -14.97 -31.29 2.92
N SER A 201 -14.25 -32.11 2.15
CA SER A 201 -12.83 -31.87 1.96
C SER A 201 -12.59 -30.54 1.25
N PHE A 202 -13.47 -30.17 0.32
CA PHE A 202 -13.31 -28.88 -0.36
C PHE A 202 -13.53 -27.73 0.60
N VAL A 203 -14.55 -27.82 1.45
CA VAL A 203 -14.85 -26.73 2.38
C VAL A 203 -13.73 -26.54 3.39
N ILE A 204 -13.18 -27.65 3.91
CA ILE A 204 -12.07 -27.56 4.86
C ILE A 204 -10.85 -26.96 4.18
N TYR A 205 -10.51 -27.47 2.99
CA TYR A 205 -9.46 -26.89 2.17
C TYR A 205 -9.67 -25.40 1.98
N MET A 206 -10.90 -25.00 1.65
CA MET A 206 -11.19 -23.57 1.46
C MET A 206 -10.93 -22.78 2.74
N PHE A 207 -11.46 -23.27 3.86
CA PHE A 207 -11.39 -22.51 5.11
C PHE A 207 -9.95 -22.26 5.54
N VAL A 208 -9.05 -23.22 5.29
CA VAL A 208 -7.67 -23.10 5.74
C VAL A 208 -6.80 -22.40 4.72
N VAL A 209 -6.82 -22.86 3.46
CA VAL A 209 -5.91 -22.30 2.46
C VAL A 209 -6.41 -20.96 1.96
N HIS A 210 -7.73 -20.78 1.82
CA HIS A 210 -8.27 -19.58 1.22
C HIS A 210 -8.96 -18.66 2.24
N PHE A 211 -8.71 -18.88 3.53
CA PHE A 211 -9.12 -17.90 4.54
C PHE A 211 -8.06 -17.73 5.61
N ILE A 212 -7.72 -18.82 6.30
CA ILE A 212 -6.83 -18.72 7.45
C ILE A 212 -5.43 -18.28 7.01
N ILE A 213 -4.89 -18.92 5.98
CA ILE A 213 -3.57 -18.50 5.47
C ILE A 213 -3.58 -17.07 4.96
N PRO A 214 -4.52 -16.65 4.09
CA PRO A 214 -4.56 -15.22 3.71
C PRO A 214 -4.65 -14.27 4.89
N LEU A 215 -5.49 -14.59 5.88
CA LEU A 215 -5.65 -13.69 7.03
C LEU A 215 -4.38 -13.61 7.84
N ILE A 216 -3.76 -14.76 8.14
CA ILE A 216 -2.52 -14.78 8.91
C ILE A 216 -1.46 -13.96 8.21
N VAL A 217 -1.32 -14.13 6.89
CA VAL A 217 -0.30 -13.41 6.14
C VAL A 217 -0.56 -11.91 6.19
N ILE A 218 -1.82 -11.51 6.00
CA ILE A 218 -2.13 -10.08 5.98
C ILE A 218 -1.89 -9.45 7.35
N PHE A 219 -2.35 -10.11 8.42
CA PHE A 219 -2.10 -9.55 9.75
C PHE A 219 -0.61 -9.44 10.03
N PHE A 220 0.13 -10.54 9.78
CA PHE A 220 1.56 -10.53 10.06
C PHE A 220 2.27 -9.43 9.29
N CYS A 221 2.08 -9.39 7.97
CA CYS A 221 2.82 -8.45 7.12
C CYS A 221 2.55 -7.00 7.54
N TYR A 222 1.28 -6.61 7.61
CA TYR A 222 0.93 -5.26 8.02
C TYR A 222 1.34 -4.97 9.45
N GLY A 223 1.34 -5.99 10.32
CA GLY A 223 1.83 -5.79 11.67
C GLY A 223 3.30 -5.42 11.69
N GLN A 224 4.12 -6.16 10.94
CA GLN A 224 5.55 -5.85 10.87
C GLN A 224 5.79 -4.49 10.23
N LEU A 225 5.00 -4.15 9.21
CA LEU A 225 5.16 -2.85 8.56
C LEU A 225 4.87 -1.71 9.53
N VAL A 226 3.78 -1.82 10.30
CA VAL A 226 3.46 -0.79 11.28
C VAL A 226 4.55 -0.71 12.34
N PHE A 227 5.04 -1.87 12.80
CA PHE A 227 6.13 -1.87 13.77
C PHE A 227 7.35 -1.14 13.22
N THR A 228 7.70 -1.38 11.95
CA THR A 228 8.85 -0.73 11.35
C THR A 228 8.66 0.79 11.29
N VAL A 229 7.48 1.24 10.86
CA VAL A 229 7.25 2.68 10.75
C VAL A 229 7.19 3.31 12.13
N LYS A 230 6.54 2.65 13.08
CA LYS A 230 6.55 3.13 14.47
C LYS A 230 7.97 3.24 15.00
N GLU A 231 8.78 2.21 14.76
CA GLU A 231 10.16 2.21 15.26
C GLU A 231 10.96 3.35 14.66
N ALA A 232 10.82 3.57 13.35
CA ALA A 232 11.52 4.68 12.69
C ALA A 232 11.06 6.01 13.28
N ALA A 233 9.75 6.18 13.45
CA ALA A 233 9.23 7.41 14.05
C ALA A 233 9.76 7.60 15.46
N ALA A 234 9.91 6.51 16.21
CA ALA A 234 10.45 6.60 17.57
C ALA A 234 11.86 7.18 17.57
N GLN A 235 12.68 6.81 16.59
CA GLN A 235 14.07 7.26 16.59
C GLN A 235 14.21 8.68 16.08
N GLN A 236 13.41 9.07 15.10
CA GLN A 236 13.47 10.40 14.52
C GLN A 236 12.28 11.22 15.02
N GLN A 237 12.33 11.52 16.32
CA GLN A 237 11.28 12.30 16.97
C GLN A 237 11.04 13.64 16.28
N GLU A 238 12.07 14.20 15.67
CA GLU A 238 11.99 15.52 15.05
C GLU A 238 11.74 15.47 13.56
N SER A 239 11.53 14.29 12.99
CA SER A 239 11.26 14.13 11.56
C SER A 239 9.74 14.15 11.36
N ALA A 240 9.23 15.27 10.85
CA ALA A 240 7.78 15.47 10.77
C ALA A 240 7.13 14.43 9.88
N THR A 241 7.69 14.18 8.70
CA THR A 241 7.04 13.30 7.74
C THR A 241 6.95 11.87 8.25
N THR A 242 7.88 11.45 9.12
CA THR A 242 7.80 10.09 9.64
C THR A 242 6.70 9.97 10.68
N GLN A 243 6.52 11.00 11.51
CA GLN A 243 5.40 11.02 12.44
C GLN A 243 4.08 11.01 11.68
N LYS A 244 4.00 11.83 10.62
CA LYS A 244 2.85 11.79 9.72
C LYS A 244 2.66 10.41 9.12
N ALA A 245 3.73 9.83 8.58
CA ALA A 245 3.63 8.52 7.92
C ALA A 245 3.19 7.45 8.91
N GLU A 246 3.74 7.48 10.13
CA GLU A 246 3.32 6.56 11.18
C GLU A 246 1.80 6.58 11.34
N LYS A 247 1.24 7.77 11.58
CA LYS A 247 -0.19 7.91 11.79
C LYS A 247 -0.98 7.46 10.57
N GLU A 248 -0.56 7.90 9.39
CA GLU A 248 -1.30 7.57 8.17
C GLU A 248 -1.27 6.07 7.88
N VAL A 249 -0.09 5.47 7.97
CA VAL A 249 0.04 4.03 7.71
C VAL A 249 -0.84 3.23 8.65
N THR A 250 -0.86 3.58 9.93
CA THR A 250 -1.66 2.83 10.90
C THR A 250 -3.15 2.98 10.61
N ARG A 251 -3.59 4.19 10.26
CA ARG A 251 -4.97 4.39 9.82
C ARG A 251 -5.31 3.42 8.69
N MET A 252 -4.41 3.31 7.71
CA MET A 252 -4.70 2.50 6.53
C MET A 252 -4.67 1.00 6.83
N VAL A 253 -3.73 0.57 7.67
CA VAL A 253 -3.64 -0.86 7.99
C VAL A 253 -4.91 -1.33 8.68
N ILE A 254 -5.43 -0.54 9.62
CA ILE A 254 -6.68 -0.90 10.29
C ILE A 254 -7.83 -0.97 9.28
N ILE A 255 -7.89 0.00 8.36
CA ILE A 255 -8.89 -0.04 7.30
C ILE A 255 -8.77 -1.33 6.50
N TYR A 256 -7.53 -1.67 6.09
CA TYR A 256 -7.30 -2.86 5.29
C TYR A 256 -7.83 -4.11 5.98
N VAL A 257 -7.49 -4.28 7.25
CA VAL A 257 -7.90 -5.48 7.99
C VAL A 257 -9.42 -5.56 8.09
N ILE A 258 -10.06 -4.43 8.42
CA ILE A 258 -11.52 -4.44 8.58
C ILE A 258 -12.21 -4.72 7.25
N ALA A 259 -11.70 -4.15 6.17
CA ALA A 259 -12.23 -4.47 4.84
C ALA A 259 -12.17 -5.96 4.58
N PHE A 260 -11.05 -6.61 4.92
CA PHE A 260 -10.91 -8.03 4.62
C PHE A 260 -11.82 -8.86 5.54
N LEU A 261 -11.95 -8.48 6.81
CA LEU A 261 -12.87 -9.20 7.69
C LEU A 261 -14.33 -9.05 7.25
N ILE A 262 -14.75 -7.82 6.93
CA ILE A 262 -16.10 -7.62 6.39
C ILE A 262 -16.32 -8.47 5.15
N CYS A 263 -15.30 -8.58 4.31
CA CYS A 263 -15.47 -9.24 3.02
C CYS A 263 -15.59 -10.76 3.16
N TRP A 264 -14.84 -11.35 4.09
CA TRP A 264 -14.69 -12.81 4.09
C TRP A 264 -15.17 -13.50 5.36
N LEU A 265 -15.14 -12.83 6.50
CA LEU A 265 -15.58 -13.48 7.75
C LEU A 265 -17.06 -13.83 7.73
N PRO A 266 -17.92 -13.15 6.94
CA PRO A 266 -19.27 -13.69 6.72
C PRO A 266 -19.29 -15.10 6.13
N TYR A 267 -18.71 -15.30 4.94
CA TYR A 267 -18.63 -16.65 4.37
C TYR A 267 -17.95 -17.61 5.34
N ALA A 268 -16.84 -17.18 5.95
CA ALA A 268 -16.12 -18.05 6.87
C ALA A 268 -17.00 -18.48 8.03
N GLY A 269 -17.64 -17.52 8.69
CA GLY A 269 -18.51 -17.86 9.82
C GLY A 269 -19.69 -18.71 9.42
N VAL A 270 -20.32 -18.36 8.28
CA VAL A 270 -21.47 -19.13 7.82
C VAL A 270 -21.08 -20.56 7.51
N ALA A 271 -20.02 -20.74 6.71
CA ALA A 271 -19.61 -22.09 6.32
C ALA A 271 -19.14 -22.89 7.52
N PHE A 272 -18.40 -22.25 8.43
CA PHE A 272 -17.93 -22.97 9.61
C PHE A 272 -19.07 -23.38 10.52
N TYR A 273 -20.09 -22.53 10.66
CA TYR A 273 -21.20 -22.91 11.52
C TYR A 273 -22.08 -23.96 10.82
N ILE A 274 -22.19 -23.92 9.49
CA ILE A 274 -22.78 -25.05 8.77
C ILE A 274 -22.00 -26.33 9.06
N PHE A 275 -20.66 -26.24 9.10
CA PHE A 275 -19.83 -27.42 9.23
C PHE A 275 -19.94 -28.04 10.62
N THR A 276 -19.81 -27.23 11.67
CA THR A 276 -19.80 -27.73 13.03
C THR A 276 -21.20 -27.88 13.62
N HIS A 277 -22.17 -27.13 13.13
CA HIS A 277 -23.55 -27.23 13.57
C HIS A 277 -24.39 -27.85 12.46
N GLN A 278 -24.20 -29.16 12.26
CA GLN A 278 -24.95 -29.87 11.23
C GLN A 278 -26.44 -29.85 11.53
N GLY A 279 -26.82 -29.88 12.80
CA GLY A 279 -28.21 -29.69 13.18
C GLY A 279 -28.65 -28.25 12.99
N SER A 280 -28.81 -27.83 11.74
CA SER A 280 -29.20 -26.47 11.41
C SER A 280 -29.78 -26.48 10.01
N CYS A 281 -30.29 -25.32 9.58
CA CYS A 281 -30.92 -25.17 8.28
C CYS A 281 -31.16 -23.70 7.99
N PHE A 282 -30.58 -23.17 6.92
CA PHE A 282 -30.71 -21.76 6.59
C PHE A 282 -31.36 -21.58 5.23
N GLY A 283 -32.12 -20.49 5.10
CA GLY A 283 -32.81 -20.17 3.87
C GLY A 283 -32.19 -18.99 3.15
N PRO A 284 -32.75 -18.64 1.98
CA PRO A 284 -32.09 -17.66 1.09
C PRO A 284 -31.75 -16.34 1.76
N ILE A 285 -32.65 -15.84 2.62
CA ILE A 285 -32.40 -14.56 3.29
C ILE A 285 -31.08 -14.57 4.03
N PHE A 286 -30.75 -15.64 4.72
CA PHE A 286 -29.48 -15.68 5.43
C PHE A 286 -28.38 -16.29 4.55
N MET A 287 -28.70 -17.17 3.60
CA MET A 287 -27.64 -17.68 2.73
C MET A 287 -27.09 -16.61 1.78
N THR A 288 -27.75 -15.46 1.66
CA THR A 288 -27.21 -14.35 0.87
C THR A 288 -26.59 -13.26 1.72
N ILE A 289 -26.60 -13.41 3.06
CA ILE A 289 -25.81 -12.50 3.90
C ILE A 289 -24.34 -12.54 3.55
N PRO A 290 -23.67 -13.70 3.53
CA PRO A 290 -22.25 -13.69 3.14
C PRO A 290 -22.02 -13.27 1.70
N ALA A 291 -22.92 -13.64 0.78
CA ALA A 291 -22.77 -13.22 -0.61
C ALA A 291 -22.82 -11.70 -0.72
N PHE A 292 -23.69 -11.05 0.05
CA PHE A 292 -23.75 -9.61 0.10
C PHE A 292 -22.40 -8.99 0.44
N PHE A 293 -21.81 -9.38 1.57
CA PHE A 293 -20.58 -8.74 2.03
C PHE A 293 -19.44 -8.99 1.06
N ALA A 294 -19.38 -10.17 0.45
CA ALA A 294 -18.29 -10.46 -0.47
C ALA A 294 -18.45 -9.71 -1.79
N LYS A 295 -19.67 -9.66 -2.34
CA LYS A 295 -19.82 -9.06 -3.67
C LYS A 295 -19.55 -7.57 -3.65
N THR A 296 -19.94 -6.88 -2.58
CA THR A 296 -19.74 -5.44 -2.57
C THR A 296 -18.27 -5.07 -2.51
N SER A 297 -17.36 -6.03 -2.31
CA SER A 297 -15.92 -5.71 -2.32
C SER A 297 -15.44 -5.29 -3.69
N ALA A 298 -16.17 -5.66 -4.74
CA ALA A 298 -15.85 -5.18 -6.08
C ALA A 298 -15.84 -3.66 -6.17
N VAL A 299 -16.42 -2.97 -5.19
CA VAL A 299 -16.42 -1.51 -5.16
C VAL A 299 -15.35 -0.97 -4.22
N TYR A 300 -15.34 -1.41 -2.97
CA TYR A 300 -14.66 -0.70 -1.88
C TYR A 300 -13.30 -1.30 -1.53
N ASN A 301 -12.88 -2.38 -2.18
CA ASN A 301 -11.47 -2.74 -2.20
C ASN A 301 -10.81 -1.88 -3.29
N PRO A 302 -11.45 -1.66 -4.44
CA PRO A 302 -10.93 -0.62 -5.36
C PRO A 302 -10.89 0.76 -4.73
N VAL A 303 -11.90 1.13 -3.93
CA VAL A 303 -11.82 2.39 -3.20
C VAL A 303 -10.65 2.35 -2.23
N ILE A 304 -10.69 1.39 -1.29
CA ILE A 304 -9.75 1.39 -0.19
C ILE A 304 -8.30 1.25 -0.67
N TYR A 305 -8.03 0.41 -1.66
CA TYR A 305 -6.63 0.24 -2.05
C TYR A 305 -6.22 0.97 -3.32
N ILE A 306 -7.14 1.51 -4.12
CA ILE A 306 -6.78 2.22 -5.34
C ILE A 306 -7.13 3.70 -5.26
N MET A 307 -8.38 4.02 -4.92
CA MET A 307 -8.78 5.42 -4.80
C MET A 307 -8.00 6.11 -3.68
N MET A 308 -7.95 5.49 -2.51
CA MET A 308 -7.22 6.10 -1.39
C MET A 308 -5.71 6.03 -1.58
N ASN A 309 -5.23 5.14 -2.44
CA ASN A 309 -3.80 5.01 -2.65
C ASN A 309 -3.26 6.30 -3.28
N LYS A 310 -2.19 6.82 -2.70
CA LYS A 310 -1.72 8.18 -2.92
C LYS A 310 -1.06 8.38 -4.28
N GLN A 311 -0.92 7.33 -5.07
CA GLN A 311 -0.44 7.47 -6.43
C GLN A 311 -1.56 7.65 -7.43
N PHE A 312 -2.83 7.49 -7.01
CA PHE A 312 -3.94 7.72 -7.92
C PHE A 312 -4.81 8.92 -7.55
N ARG A 313 -4.79 9.37 -6.29
CA ARG A 313 -5.51 10.59 -5.94
C ARG A 313 -4.99 11.79 -6.73
N ASN A 314 -3.72 11.74 -7.16
CA ASN A 314 -3.12 12.85 -7.89
C ASN A 314 -3.52 12.86 -9.36
N CYS A 315 -4.16 11.81 -9.86
CA CYS A 315 -4.76 11.84 -11.19
C CYS A 315 -6.17 12.42 -11.16
N MET A 316 -6.88 12.23 -10.05
CA MET A 316 -8.22 12.76 -9.85
C MET A 316 -8.27 14.27 -10.08
N ASP B 16 22.87 1.39 -4.28
CA ASP B 16 23.73 2.14 -3.37
C ASP B 16 23.21 3.57 -3.21
N VAL B 17 23.70 4.26 -2.18
CA VAL B 17 23.19 5.57 -1.80
C VAL B 17 24.09 6.65 -2.39
N LYS B 18 23.48 7.62 -3.07
CA LYS B 18 24.18 8.79 -3.58
C LYS B 18 24.02 9.93 -2.57
N LEU B 19 25.12 10.41 -2.03
CA LEU B 19 25.12 11.54 -1.11
C LEU B 19 25.98 12.66 -1.68
N LEU B 20 25.34 13.79 -1.98
CA LEU B 20 26.07 14.99 -2.36
C LEU B 20 26.58 15.69 -1.11
N LEU B 21 27.81 16.17 -1.18
CA LEU B 21 28.49 16.77 -0.03
C LEU B 21 28.86 18.21 -0.39
N LEU B 22 28.10 19.18 0.13
CA LEU B 22 28.28 20.59 -0.17
C LEU B 22 28.76 21.32 1.08
N GLY B 23 28.96 22.63 0.92
CA GLY B 23 29.28 23.47 2.07
C GLY B 23 30.21 24.62 1.75
N ALA B 24 31.37 24.64 2.41
CA ALA B 24 32.36 25.68 2.20
C ALA B 24 33.75 25.06 2.33
N ASP B 25 34.72 25.73 1.70
CA ASP B 25 36.11 25.25 1.72
C ASP B 25 36.60 25.03 3.16
N ASN B 26 36.19 25.89 4.09
CA ASN B 26 36.60 25.79 5.48
C ASN B 26 35.45 25.36 6.40
N SER B 27 34.56 24.52 5.89
CA SER B 27 33.38 24.13 6.66
C SER B 27 33.56 22.85 7.46
N GLY B 28 34.45 21.96 7.03
CA GLY B 28 34.70 20.72 7.74
C GLY B 28 34.35 19.48 6.95
N LYS B 29 33.65 19.59 5.83
CA LYS B 29 33.38 18.44 4.99
C LYS B 29 34.66 17.81 4.48
N SER B 30 35.76 18.56 4.45
CA SER B 30 37.07 18.00 4.10
C SER B 30 37.49 16.88 5.03
N THR B 31 36.97 16.85 6.26
CA THR B 31 37.27 15.77 7.20
C THR B 31 36.25 14.64 7.12
N ILE B 32 34.98 14.98 6.92
CA ILE B 32 33.94 13.96 6.81
C ILE B 32 34.23 13.04 5.63
N VAL B 33 34.64 13.61 4.50
CA VAL B 33 34.82 12.85 3.26
C VAL B 33 35.92 11.81 3.38
N LYS B 34 36.79 11.94 4.38
CA LYS B 34 37.97 11.09 4.50
C LYS B 34 37.73 9.82 5.31
N GLN B 35 36.50 9.56 5.75
CA GLN B 35 36.23 8.43 6.63
C GLN B 35 36.14 7.17 5.77
N MET B 36 37.31 6.57 5.53
CA MET B 36 37.42 5.42 4.66
C MET B 36 37.80 4.16 5.43
N ILE B 55 34.20 16.43 -8.83
CA ILE B 55 33.49 15.28 -8.29
C ILE B 55 34.48 14.26 -7.72
N VAL B 56 34.59 14.22 -6.40
CA VAL B 56 35.48 13.29 -5.70
C VAL B 56 34.62 12.32 -4.90
N GLU B 57 34.72 11.04 -5.23
CA GLU B 57 33.83 10.02 -4.68
C GLU B 57 34.53 9.20 -3.60
N THR B 58 33.87 9.07 -2.45
CA THR B 58 34.31 8.23 -1.35
C THR B 58 33.37 7.04 -1.22
N HIS B 59 33.92 5.89 -0.82
CA HIS B 59 33.14 4.66 -0.72
C HIS B 59 33.00 4.14 0.71
N PHE B 60 32.54 4.98 1.63
CA PHE B 60 32.36 4.44 2.98
C PHE B 60 31.06 3.63 3.04
N THR B 61 31.00 2.73 4.01
CA THR B 61 29.90 1.77 4.07
C THR B 61 29.55 1.48 5.54
N PHE B 62 28.33 0.98 5.73
CA PHE B 62 27.83 0.62 7.06
C PHE B 62 26.55 -0.18 6.92
N LYS B 63 26.39 -1.17 7.80
CA LYS B 63 25.14 -1.92 7.97
C LYS B 63 24.66 -2.55 6.67
N ASN B 64 25.59 -3.19 5.94
CA ASN B 64 25.30 -3.84 4.67
C ASN B 64 24.73 -2.86 3.65
N LEU B 65 25.03 -1.57 3.81
CA LEU B 65 24.53 -0.51 2.94
C LEU B 65 25.70 0.34 2.51
N HIS B 66 26.00 0.34 1.22
CA HIS B 66 27.18 1.02 0.70
C HIS B 66 26.81 2.43 0.27
N PHE B 67 27.61 3.42 0.70
CA PHE B 67 27.35 4.80 0.33
C PHE B 67 28.36 5.28 -0.70
N ARG B 68 27.88 6.13 -1.60
CA ARG B 68 28.71 6.84 -2.58
C ARG B 68 28.63 8.31 -2.23
N LEU B 69 29.69 8.85 -1.63
CA LEU B 69 29.72 10.22 -1.13
C LEU B 69 30.46 11.08 -2.16
N PHE B 70 29.76 12.02 -2.79
CA PHE B 70 30.39 12.87 -3.80
C PHE B 70 30.65 14.25 -3.22
N ASP B 71 31.93 14.58 -3.05
CA ASP B 71 32.34 15.94 -2.69
C ASP B 71 32.35 16.79 -3.97
N VAL B 72 31.46 17.78 -4.03
CA VAL B 72 31.32 18.64 -5.20
C VAL B 72 31.23 20.08 -4.70
N GLY B 73 30.99 21.04 -5.59
CA GLY B 73 31.09 22.42 -5.12
C GLY B 73 29.84 23.23 -4.82
N GLY B 74 28.99 23.40 -5.82
CA GLY B 74 27.74 24.13 -5.66
C GLY B 74 27.82 25.63 -5.53
N GLN B 75 28.88 26.29 -5.99
CA GLN B 75 28.96 27.74 -5.78
C GLN B 75 27.96 28.50 -6.65
N ARG B 76 27.99 28.27 -7.95
CA ARG B 76 27.22 28.93 -9.01
C ARG B 76 28.01 28.52 -10.22
N SER B 77 29.20 29.13 -10.28
CA SER B 77 30.12 28.86 -11.36
C SER B 77 30.56 27.41 -11.37
N GLU B 78 30.67 26.80 -10.20
CA GLU B 78 31.05 25.39 -10.14
C GLU B 78 29.86 24.49 -10.01
N ARG B 79 28.69 24.98 -10.32
CA ARG B 79 27.54 24.12 -10.14
C ARG B 79 26.99 23.58 -11.44
N LYS B 80 27.21 24.24 -12.56
CA LYS B 80 26.66 23.64 -13.77
C LYS B 80 27.55 22.52 -14.27
N LYS B 81 28.71 22.37 -13.65
CA LYS B 81 29.67 21.36 -14.04
C LYS B 81 29.21 19.96 -13.68
N TRP B 82 28.31 19.80 -12.69
CA TRP B 82 27.92 18.48 -12.23
C TRP B 82 26.42 18.29 -12.04
N ILE B 83 25.63 19.35 -11.85
CA ILE B 83 24.23 19.18 -11.45
C ILE B 83 23.44 18.39 -12.49
N HIS B 84 23.86 18.44 -13.76
CA HIS B 84 23.06 17.82 -14.81
C HIS B 84 23.27 16.32 -14.91
N CYS B 85 24.24 15.76 -14.19
CA CYS B 85 24.50 14.33 -14.26
C CYS B 85 24.35 13.62 -12.93
N PHE B 86 23.84 14.28 -11.88
CA PHE B 86 23.39 13.56 -10.69
C PHE B 86 21.88 13.45 -10.71
N GLU B 87 21.40 12.22 -10.69
CA GLU B 87 20.00 11.91 -10.53
C GLU B 87 19.87 10.76 -9.55
N ASP B 88 18.72 10.71 -8.87
CA ASP B 88 18.45 9.72 -7.82
C ASP B 88 19.42 9.92 -6.65
N VAL B 89 19.66 11.18 -6.29
CA VAL B 89 20.44 11.53 -5.12
C VAL B 89 19.56 11.33 -3.89
N THR B 90 20.01 10.49 -2.95
CA THR B 90 19.24 10.24 -1.74
C THR B 90 19.15 11.48 -0.87
N ALA B 91 20.30 12.08 -0.55
CA ALA B 91 20.31 13.24 0.34
C ALA B 91 21.48 14.13 0.00
N ILE B 92 21.38 15.38 0.45
CA ILE B 92 22.42 16.39 0.25
C ILE B 92 22.95 16.79 1.62
N ILE B 93 24.22 16.51 1.86
CA ILE B 93 24.87 16.91 3.10
C ILE B 93 25.46 18.30 2.89
N PHE B 94 24.99 19.26 3.67
CA PHE B 94 25.42 20.65 3.57
C PHE B 94 26.13 21.05 4.85
N CYS B 95 27.34 21.57 4.71
CA CYS B 95 28.18 21.91 5.87
C CYS B 95 28.32 23.42 6.01
N VAL B 96 28.39 23.87 7.26
CA VAL B 96 28.49 25.29 7.59
C VAL B 96 29.50 25.45 8.71
N ASP B 97 30.45 26.36 8.53
CA ASP B 97 31.34 26.75 9.62
C ASP B 97 30.61 27.77 10.49
N LEU B 98 30.22 27.35 11.69
CA LEU B 98 29.49 28.23 12.60
C LEU B 98 30.31 29.46 12.98
N SER B 99 31.63 29.31 13.09
CA SER B 99 32.48 30.43 13.50
C SER B 99 32.79 31.40 12.37
N ASP B 100 32.44 31.06 11.13
CA ASP B 100 32.82 31.85 9.96
C ASP B 100 31.64 32.73 9.56
N TYR B 101 31.71 34.02 9.93
CA TYR B 101 30.66 34.96 9.57
C TYR B 101 30.81 35.48 8.15
N ASN B 102 32.00 35.40 7.56
CA ASN B 102 32.19 35.95 6.21
C ASN B 102 31.50 35.08 5.17
N ARG B 103 31.71 33.77 5.23
CA ARG B 103 31.07 32.82 4.32
C ARG B 103 29.64 32.49 4.72
N MET B 104 29.13 33.10 5.79
CA MET B 104 27.82 32.72 6.32
C MET B 104 26.72 32.97 5.30
N HIS B 105 26.64 34.20 4.78
CA HIS B 105 25.62 34.54 3.81
C HIS B 105 25.87 33.87 2.46
N GLU B 106 27.14 33.65 2.11
CA GLU B 106 27.45 32.80 0.97
C GLU B 106 26.80 31.44 1.14
N SER B 107 26.93 30.85 2.33
CA SER B 107 26.35 29.53 2.58
C SER B 107 24.83 29.60 2.64
N LEU B 108 24.27 30.67 3.21
CA LEU B 108 22.82 30.82 3.23
C LEU B 108 22.24 30.85 1.81
N MET B 109 22.88 31.59 0.91
CA MET B 109 22.35 31.69 -0.44
C MET B 109 22.67 30.46 -1.28
N ASP B 110 23.87 29.89 -1.11
CA ASP B 110 24.16 28.60 -1.74
C ASP B 110 23.15 27.56 -1.30
N PHE B 111 22.87 27.50 0.01
CA PHE B 111 21.86 26.60 0.52
C PHE B 111 20.51 26.85 -0.14
N ASP B 112 20.01 28.08 -0.02
CA ASP B 112 18.73 28.46 -0.62
C ASP B 112 18.64 28.02 -2.08
N SER B 113 19.71 28.25 -2.84
CA SER B 113 19.70 27.97 -4.27
C SER B 113 19.90 26.49 -4.60
N ILE B 114 20.20 25.65 -3.61
CA ILE B 114 20.16 24.20 -3.76
C ILE B 114 18.87 23.63 -3.20
N CYS B 115 18.51 24.04 -1.98
CA CYS B 115 17.28 23.56 -1.34
C CYS B 115 16.07 23.82 -2.21
N ASN B 116 16.05 24.96 -2.89
CA ASN B 116 14.96 25.35 -3.77
C ASN B 116 15.28 25.10 -5.22
N ASN B 117 16.32 24.32 -5.50
CA ASN B 117 16.74 24.08 -6.86
C ASN B 117 15.85 23.03 -7.51
N LYS B 118 15.48 23.30 -8.76
CA LYS B 118 14.59 22.42 -9.51
C LYS B 118 15.05 20.97 -9.57
N PHE B 119 16.35 20.70 -9.48
CA PHE B 119 16.75 19.29 -9.44
C PHE B 119 16.72 18.70 -8.04
N PHE B 120 16.76 19.52 -6.99
CA PHE B 120 16.84 18.98 -5.63
C PHE B 120 15.72 19.53 -4.76
N ILE B 121 14.58 19.85 -5.37
CA ILE B 121 13.46 20.40 -4.63
C ILE B 121 12.84 19.38 -3.68
N ASP B 122 13.07 18.09 -3.92
CA ASP B 122 12.53 17.02 -3.08
C ASP B 122 13.62 16.14 -2.48
N THR B 123 14.89 16.46 -2.69
CA THR B 123 16.00 15.68 -2.17
C THR B 123 16.33 16.16 -0.76
N SER B 124 16.04 15.33 0.23
CA SER B 124 16.19 15.72 1.63
C SER B 124 17.63 16.13 1.94
N ILE B 125 17.78 16.96 2.97
CA ILE B 125 19.04 17.60 3.31
C ILE B 125 19.48 17.15 4.69
N ILE B 126 20.77 16.93 4.86
CA ILE B 126 21.40 16.73 6.15
C ILE B 126 22.33 17.92 6.39
N LEU B 127 21.99 18.75 7.37
CA LEU B 127 22.66 20.02 7.59
C LEU B 127 23.59 19.92 8.79
N PHE B 128 24.91 19.85 8.55
CA PHE B 128 25.85 19.97 9.68
C PHE B 128 26.27 21.41 9.84
N LEU B 129 26.14 21.91 11.06
CA LEU B 129 26.75 23.17 11.47
C LEU B 129 27.99 22.78 12.28
N ASN B 130 29.16 22.91 11.67
CA ASN B 130 30.38 22.39 12.27
C ASN B 130 31.08 23.46 13.10
N LYS B 131 32.22 23.06 13.69
CA LYS B 131 33.00 23.91 14.57
C LYS B 131 32.13 24.53 15.66
N LYS B 132 31.25 23.68 16.21
CA LYS B 132 30.38 24.06 17.32
C LYS B 132 31.16 24.75 18.44
N ASP B 133 32.27 24.15 18.87
CA ASP B 133 32.99 24.70 20.01
C ASP B 133 33.77 25.95 19.64
N LEU B 134 34.35 26.00 18.44
CA LEU B 134 34.97 27.23 17.98
C LEU B 134 33.94 28.36 17.90
N PHE B 135 32.68 28.02 17.58
CA PHE B 135 31.62 29.01 17.65
C PHE B 135 31.28 29.36 19.09
N GLY B 136 31.28 28.36 19.98
CA GLY B 136 31.04 28.64 21.39
C GLY B 136 32.03 29.61 21.98
N GLU B 137 33.25 29.63 21.46
CA GLU B 137 34.26 30.59 21.89
C GLU B 137 34.24 31.86 21.05
N LYS B 138 33.94 31.72 19.76
CA LYS B 138 33.78 32.87 18.88
C LYS B 138 32.71 33.82 19.39
N ILE B 139 31.54 33.28 19.75
CA ILE B 139 30.41 34.11 20.14
C ILE B 139 30.72 34.90 21.40
N LYS B 140 31.61 34.39 22.26
CA LYS B 140 31.98 35.12 23.47
C LYS B 140 32.69 36.42 23.12
N LYS B 141 33.54 36.40 22.09
CA LYS B 141 34.33 37.55 21.72
C LYS B 141 33.87 38.20 20.42
N SER B 142 32.84 37.66 19.76
CA SER B 142 32.39 38.17 18.46
C SER B 142 30.88 37.99 18.38
N PRO B 143 30.10 39.07 18.60
CA PRO B 143 28.64 38.95 18.60
C PRO B 143 28.09 38.48 17.25
N LEU B 144 26.98 37.74 17.31
CA LEU B 144 26.33 37.24 16.11
C LEU B 144 25.78 38.37 15.24
N THR B 145 25.50 39.53 15.84
CA THR B 145 24.96 40.68 15.10
C THR B 145 25.84 41.10 13.93
N ILE B 146 27.13 40.74 13.95
CA ILE B 146 28.03 41.11 12.87
C ILE B 146 27.48 40.67 11.52
N CYS B 147 26.97 39.44 11.45
CA CYS B 147 26.40 38.93 10.21
C CYS B 147 24.89 38.75 10.23
N PHE B 148 24.23 38.83 11.38
CA PHE B 148 22.77 39.03 11.40
C PHE B 148 22.48 40.25 12.26
N PRO B 149 22.46 41.44 11.66
CA PRO B 149 22.18 42.66 12.42
C PRO B 149 20.83 42.65 13.13
N GLU B 150 19.81 42.04 12.51
CA GLU B 150 18.48 41.99 13.10
C GLU B 150 18.40 41.10 14.33
N TYR B 151 19.46 40.36 14.65
CA TYR B 151 19.47 39.50 15.82
C TYR B 151 19.32 40.33 17.10
N THR B 152 18.35 39.93 17.93
CA THR B 152 18.04 40.67 19.15
C THR B 152 18.34 39.87 20.41
N GLY B 153 18.74 38.61 20.30
CA GLY B 153 18.93 37.77 21.46
C GLY B 153 20.25 38.03 22.14
N PRO B 154 20.38 37.51 23.36
CA PRO B 154 21.66 37.59 24.08
C PRO B 154 22.66 36.58 23.50
N ASN B 155 23.88 37.05 23.27
CA ASN B 155 24.92 36.25 22.62
C ASN B 155 25.37 35.12 23.55
N THR B 156 24.57 34.06 23.57
CA THR B 156 24.91 32.82 24.23
C THR B 156 24.81 31.68 23.21
N TYR B 157 25.66 30.66 23.39
CA TYR B 157 25.72 29.57 22.41
C TYR B 157 24.33 29.04 22.08
N GLU B 158 23.54 28.73 23.11
CA GLU B 158 22.28 28.04 22.92
C GLU B 158 21.28 28.87 22.11
N ASP B 159 21.41 30.18 22.11
CA ASP B 159 20.51 31.06 21.37
C ASP B 159 21.07 31.45 20.01
N ALA B 160 22.37 31.78 19.94
CA ALA B 160 22.96 32.18 18.67
C ALA B 160 23.00 31.01 17.68
N ALA B 161 23.39 29.82 18.15
CA ALA B 161 23.41 28.66 17.27
C ALA B 161 22.01 28.31 16.79
N ALA B 162 21.01 28.41 17.68
CA ALA B 162 19.63 28.15 17.29
C ALA B 162 19.17 29.16 16.25
N TYR B 163 19.61 30.42 16.37
CA TYR B 163 19.24 31.42 15.38
C TYR B 163 19.84 31.10 14.02
N ILE B 164 21.11 30.66 14.00
CA ILE B 164 21.75 30.28 12.74
C ILE B 164 20.99 29.13 12.09
N GLN B 165 20.74 28.06 12.86
CA GLN B 165 19.94 26.95 12.36
C GLN B 165 18.63 27.43 11.77
N ALA B 166 17.93 28.31 12.48
CA ALA B 166 16.66 28.82 12.00
C ALA B 166 16.82 29.52 10.66
N GLN B 167 17.90 30.26 10.48
CA GLN B 167 18.12 31.00 9.24
C GLN B 167 18.28 30.06 8.06
N PHE B 168 18.97 28.93 8.25
CA PHE B 168 19.12 27.99 7.15
C PHE B 168 17.81 27.31 6.83
N GLU B 169 17.07 26.91 7.86
CA GLU B 169 15.79 26.27 7.63
C GLU B 169 14.71 27.26 7.18
N SER B 170 14.98 28.56 7.28
CA SER B 170 14.02 29.57 6.86
C SER B 170 13.82 29.56 5.36
N LYS B 171 14.85 29.15 4.65
CA LYS B 171 14.93 29.10 3.21
C LYS B 171 14.39 27.84 2.65
N ASN B 172 13.76 27.01 3.46
CA ASN B 172 13.39 25.70 2.96
C ASN B 172 12.45 25.82 1.78
N ARG B 173 11.30 26.45 1.98
CA ARG B 173 10.32 26.68 0.93
C ARG B 173 10.01 25.42 0.13
N SER B 174 9.75 24.31 0.82
CA SER B 174 9.41 23.07 0.15
C SER B 174 8.65 22.18 1.13
N PRO B 175 7.34 21.95 0.91
CA PRO B 175 6.45 21.49 1.99
C PRO B 175 6.99 20.35 2.84
N ASN B 176 7.28 19.22 2.21
CA ASN B 176 7.68 18.02 2.93
C ASN B 176 9.10 17.62 2.57
N LYS B 177 10.02 18.57 2.73
CA LYS B 177 11.41 18.41 2.30
C LYS B 177 12.20 17.52 3.25
N GLU B 178 12.19 17.87 4.54
CA GLU B 178 12.97 17.26 5.62
C GLU B 178 14.44 17.71 5.60
N ILE B 179 14.84 18.46 6.62
CA ILE B 179 16.21 18.91 6.80
C ILE B 179 16.70 18.35 8.13
N TYR B 180 17.68 17.45 8.09
CA TYR B 180 18.17 16.79 9.30
C TYR B 180 19.38 17.57 9.82
N CYS B 181 19.20 18.26 10.94
CA CYS B 181 20.22 19.15 11.47
C CYS B 181 21.10 18.43 12.50
N HIS B 182 22.34 18.89 12.59
CA HIS B 182 23.26 18.43 13.61
C HIS B 182 24.35 19.47 13.79
N MET B 183 24.77 19.67 15.04
CA MET B 183 25.82 20.62 15.37
C MET B 183 27.05 19.84 15.86
N THR B 184 28.12 19.90 15.07
CA THR B 184 29.28 19.04 15.23
C THR B 184 30.41 19.77 15.96
N CYS B 185 31.02 19.05 16.91
CA CYS B 185 32.06 19.58 17.80
C CYS B 185 33.42 19.67 17.09
N ALA B 186 33.47 20.52 16.05
CA ALA B 186 34.65 20.69 15.20
C ALA B 186 35.08 19.28 14.75
N THR B 187 36.33 18.88 14.96
CA THR B 187 36.75 17.53 14.64
C THR B 187 36.49 16.54 15.78
N ASP B 188 36.12 17.02 16.96
CA ASP B 188 36.04 16.19 18.17
C ASP B 188 34.65 15.58 18.31
N THR B 189 34.33 14.69 17.39
CA THR B 189 33.08 13.92 17.46
C THR B 189 33.10 12.83 16.40
N ASN B 190 31.98 12.12 16.29
CA ASN B 190 31.83 10.96 15.42
C ASN B 190 30.43 11.01 14.84
N ASN B 191 30.28 11.72 13.72
CA ASN B 191 28.98 12.12 13.19
C ASN B 191 28.63 11.40 11.89
N ALA B 192 29.24 10.24 11.62
CA ALA B 192 28.79 9.43 10.49
C ALA B 192 27.47 8.75 10.81
N GLN B 193 27.21 8.47 12.09
CA GLN B 193 25.94 7.87 12.49
C GLN B 193 24.78 8.81 12.21
N VAL B 194 24.98 10.11 12.39
CA VAL B 194 23.95 11.09 12.07
C VAL B 194 23.51 10.95 10.63
N ILE B 195 24.48 10.87 9.72
CA ILE B 195 24.17 10.71 8.29
C ILE B 195 23.32 9.48 8.06
N PHE B 196 23.68 8.35 8.65
CA PHE B 196 23.02 7.10 8.28
C PHE B 196 21.62 7.02 8.90
N ASP B 197 21.41 7.51 10.12
CA ASP B 197 20.04 7.56 10.65
C ASP B 197 19.15 8.41 9.76
N ALA B 198 19.64 9.59 9.37
CA ALA B 198 18.87 10.46 8.47
C ALA B 198 18.55 9.76 7.16
N VAL B 199 19.53 9.05 6.59
CA VAL B 199 19.33 8.40 5.29
C VAL B 199 18.27 7.31 5.40
N THR B 200 18.30 6.51 6.46
CA THR B 200 17.30 5.46 6.64
C THR B 200 15.89 6.05 6.76
N ASP B 201 15.76 7.15 7.51
CA ASP B 201 14.47 7.81 7.62
C ASP B 201 13.99 8.30 6.26
N ILE B 202 14.89 8.88 5.47
CA ILE B 202 14.56 9.28 4.10
C ILE B 202 14.08 8.09 3.29
N ILE B 203 14.77 6.95 3.42
CA ILE B 203 14.48 5.79 2.59
C ILE B 203 13.10 5.23 2.91
N ILE B 204 12.78 5.06 4.19
CA ILE B 204 11.50 4.48 4.56
C ILE B 204 10.35 5.38 4.12
N ALA B 205 10.51 6.70 4.28
CA ALA B 205 9.50 7.62 3.77
C ALA B 205 9.29 7.41 2.28
N ASN B 206 10.38 7.22 1.53
CA ASN B 206 10.25 7.04 0.08
C ASN B 206 9.62 5.70 -0.27
N ASN B 207 9.94 4.64 0.48
CA ASN B 207 9.36 3.33 0.17
C ASN B 207 7.86 3.32 0.46
N LEU B 208 7.44 3.99 1.53
CA LEU B 208 6.01 4.19 1.75
C LEU B 208 5.39 4.94 0.59
N ARG B 209 6.06 6.00 0.13
CA ARG B 209 5.56 6.76 -1.02
C ARG B 209 5.40 5.86 -2.25
N GLY B 210 6.36 4.97 -2.48
CA GLY B 210 6.27 4.08 -3.63
C GLY B 210 5.13 3.08 -3.51
N CYS B 211 4.92 2.54 -2.31
CA CYS B 211 3.82 1.61 -2.10
C CYS B 211 2.46 2.26 -2.26
N GLY B 212 2.39 3.58 -2.14
CA GLY B 212 1.12 4.28 -2.10
C GLY B 212 0.62 4.59 -0.71
N LEU B 213 1.42 4.35 0.31
CA LEU B 213 1.10 4.67 1.69
C LEU B 213 1.81 5.97 2.06
N TYR B 214 1.06 6.94 2.57
CA TYR B 214 1.61 8.26 2.82
C TYR B 214 2.28 8.80 1.56
#